data_8FJF
#
_entry.id   8FJF
#
_cell.length_a   34.004
_cell.length_b   44.287
_cell.length_c   78.123
_cell.angle_alpha   90.000
_cell.angle_beta   90.000
_cell.angle_gamma   90.000
#
_symmetry.space_group_name_H-M   'P 21 21 21'
#
loop_
_entity.id
_entity.type
_entity.pdbx_description
1 polymer H10
2 water water
#
_entity_poly.entity_id   1
_entity_poly.type   'polypeptide(L)'
_entity_poly.pdbx_seq_one_letter_code
;SGSKYVVIDGEGNEYEFTDLKEAAAKAKELKKKYGFASISVPVEPDEVAVVDGKGNEHTFTDIKKAVEKAKELAKETGFA
SISVPVEPDEYLVIDGKGNEHKFTDLKEAVAKAKELKKKYGFASVSVPVPAGSG
;
_entity_poly.pdbx_strand_id   A
#
# COMPACT_ATOMS: atom_id res chain seq x y z
N SER A 3 -0.99 17.94 0.02
CA SER A 3 -0.86 16.59 0.56
C SER A 3 0.49 15.97 0.20
N LYS A 4 0.82 14.83 0.81
CA LYS A 4 2.02 14.09 0.47
C LYS A 4 1.67 12.61 0.31
N TYR A 5 2.14 12.05 -0.77
CA TYR A 5 1.90 10.65 -1.13
C TYR A 5 3.24 9.96 -1.25
N VAL A 6 3.37 8.75 -0.73
CA VAL A 6 4.68 8.10 -0.69
C VAL A 6 4.57 6.75 -1.35
N VAL A 7 5.50 6.43 -2.25
CA VAL A 7 5.62 5.12 -2.87
C VAL A 7 6.85 4.44 -2.28
N ILE A 8 6.72 3.17 -1.89
CA ILE A 8 7.83 2.38 -1.36
C ILE A 8 8.11 1.26 -2.35
N ASP A 9 9.37 1.04 -2.69
CA ASP A 9 9.69 -0.03 -3.63
C ASP A 9 10.30 -1.19 -2.86
N GLY A 10 10.73 -2.21 -3.60
CA GLY A 10 11.15 -3.45 -2.97
C GLY A 10 12.48 -3.36 -2.26
N GLU A 11 13.22 -2.28 -2.47
CA GLU A 11 14.46 -2.01 -1.76
C GLU A 11 14.23 -1.15 -0.54
N GLY A 12 13.00 -0.78 -0.27
CA GLY A 12 12.74 0.10 0.84
C GLY A 12 13.01 1.56 0.54
N ASN A 13 13.17 1.93 -0.74
CA ASN A 13 13.27 3.33 -1.11
C ASN A 13 11.91 4.00 -1.06
N GLU A 14 11.90 5.25 -0.60
CA GLU A 14 10.70 6.06 -0.48
C GLU A 14 10.75 7.18 -1.54
N TYR A 15 9.70 7.24 -2.34
CA TYR A 15 9.51 8.25 -3.37
C TYR A 15 8.33 9.11 -2.95
N GLU A 16 8.54 10.44 -2.84
CA GLU A 16 7.47 11.31 -2.39
C GLU A 16 6.86 12.08 -3.57
N PHE A 17 5.55 12.32 -3.49
CA PHE A 17 4.82 13.01 -4.54
C PHE A 17 3.84 14.00 -3.94
N THR A 18 3.55 15.04 -4.71
CA THR A 18 2.51 15.98 -4.34
C THR A 18 1.21 15.65 -5.05
N ASP A 19 1.27 14.81 -6.07
CA ASP A 19 0.12 14.45 -6.89
C ASP A 19 -0.12 12.95 -6.86
N LEU A 20 -1.36 12.55 -6.57
CA LEU A 20 -1.67 11.13 -6.41
C LEU A 20 -1.58 10.36 -7.72
N LYS A 21 -2.03 10.94 -8.82
CA LYS A 21 -1.99 10.21 -10.08
C LYS A 21 -0.54 9.93 -10.49
N GLU A 22 0.35 10.88 -10.22
CA GLU A 22 1.76 10.64 -10.54
C GLU A 22 2.35 9.59 -9.62
N ALA A 23 1.99 9.64 -8.33
CA ALA A 23 2.42 8.65 -7.37
C ALA A 23 1.92 7.27 -7.74
N ALA A 24 0.61 7.17 -8.02
CA ALA A 24 0.06 5.88 -8.38
C ALA A 24 0.67 5.36 -9.67
N ALA A 25 1.03 6.24 -10.61
CA ALA A 25 1.68 5.77 -11.83
C ALA A 25 3.09 5.25 -11.56
N LYS A 26 3.83 5.92 -10.69
CA LYS A 26 5.16 5.43 -10.31
C LYS A 26 5.08 4.04 -9.66
N ALA A 27 4.17 3.88 -8.68
CA ALA A 27 4.00 2.61 -7.99
C ALA A 27 3.70 1.51 -8.99
N LYS A 28 2.76 1.78 -9.90
CA LYS A 28 2.40 0.77 -10.87
C LYS A 28 3.61 0.39 -11.72
N GLU A 29 4.45 1.36 -12.04
CA GLU A 29 5.63 1.07 -12.85
C GLU A 29 6.68 0.32 -12.07
N LEU A 30 6.95 0.71 -10.82
CA LEU A 30 7.95 -0.02 -10.05
C LEU A 30 7.50 -1.44 -9.82
N LYS A 31 6.21 -1.65 -9.66
CA LYS A 31 5.75 -3.02 -9.47
C LYS A 31 5.96 -3.85 -10.73
N LYS A 32 5.49 -3.35 -11.87
CA LYS A 32 5.63 -4.08 -13.14
C LYS A 32 7.09 -4.28 -13.53
N LYS A 33 7.95 -3.32 -13.23
CA LYS A 33 9.34 -3.46 -13.64
C LYS A 33 10.20 -4.21 -12.62
N TYR A 34 9.94 -4.04 -11.33
CA TYR A 34 10.86 -4.57 -10.34
C TYR A 34 10.21 -5.46 -9.29
N GLY A 35 8.91 -5.72 -9.36
CA GLY A 35 8.28 -6.77 -8.57
C GLY A 35 7.44 -6.31 -7.38
N PHE A 36 7.66 -5.09 -6.86
CA PHE A 36 7.03 -4.74 -5.60
C PHE A 36 6.88 -3.24 -5.48
N ALA A 37 5.69 -2.78 -5.04
CA ALA A 37 5.50 -1.37 -4.71
C ALA A 37 4.24 -1.17 -3.86
N SER A 38 4.33 -0.31 -2.87
CA SER A 38 3.17 0.12 -2.12
C SER A 38 3.02 1.62 -2.25
N ILE A 39 1.82 2.13 -2.00
CA ILE A 39 1.62 3.58 -1.96
C ILE A 39 0.84 3.93 -0.72
N SER A 40 1.34 4.90 0.04
CA SER A 40 0.67 5.44 1.24
C SER A 40 0.13 6.83 0.97
N VAL A 41 -1.10 7.08 1.42
CA VAL A 41 -1.77 8.33 1.17
C VAL A 41 -2.34 8.82 2.50
N PRO A 42 -2.54 10.13 2.65
CA PRO A 42 -3.26 10.61 3.84
C PRO A 42 -4.65 10.00 3.91
N VAL A 43 -4.98 9.43 5.07
CA VAL A 43 -6.27 8.84 5.32
C VAL A 43 -6.84 9.51 6.57
N GLU A 44 -8.13 9.80 6.54
CA GLU A 44 -8.78 10.35 7.73
C GLU A 44 -8.69 9.33 8.87
N PRO A 45 -8.75 9.76 10.11
CA PRO A 45 -8.69 8.77 11.19
C PRO A 45 -9.91 7.89 11.08
N ASP A 46 -9.72 6.62 11.41
CA ASP A 46 -10.77 5.61 11.36
C ASP A 46 -11.12 5.21 9.94
N GLU A 47 -10.41 5.71 8.93
CA GLU A 47 -10.58 5.19 7.57
C GLU A 47 -9.36 4.40 7.15
N VAL A 48 -9.55 3.68 6.07
CA VAL A 48 -8.53 2.94 5.33
C VAL A 48 -8.74 3.31 3.87
N ALA A 49 -7.66 3.36 3.09
CA ALA A 49 -7.83 3.74 1.69
C ALA A 49 -7.14 2.73 0.80
N VAL A 50 -7.76 2.44 -0.33
CA VAL A 50 -7.19 1.59 -1.36
C VAL A 50 -6.91 2.47 -2.57
N VAL A 51 -5.70 2.43 -3.10
CA VAL A 51 -5.38 3.22 -4.30
C VAL A 51 -5.24 2.25 -5.47
N ASP A 52 -5.89 2.54 -6.59
CA ASP A 52 -5.92 1.56 -7.67
C ASP A 52 -4.91 1.93 -8.77
N GLY A 53 -4.90 1.14 -9.84
CA GLY A 53 -3.97 1.41 -10.94
C GLY A 53 -4.31 2.65 -11.75
N LYS A 54 -5.49 3.24 -11.56
CA LYS A 54 -5.84 4.49 -12.23
C LYS A 54 -5.49 5.70 -11.38
N GLY A 55 -5.01 5.47 -10.17
CA GLY A 55 -4.71 6.57 -9.27
C GLY A 55 -5.91 7.05 -8.51
N ASN A 56 -6.99 6.30 -8.49
CA ASN A 56 -8.18 6.69 -7.74
C ASN A 56 -8.14 6.06 -6.36
N GLU A 57 -8.72 6.76 -5.38
CA GLU A 57 -8.83 6.24 -4.02
C GLU A 57 -10.18 5.60 -3.79
N HIS A 58 -10.19 4.61 -2.91
CA HIS A 58 -11.43 3.98 -2.43
C HIS A 58 -11.31 3.96 -0.93
N THR A 59 -12.17 4.69 -0.25
CA THR A 59 -12.03 4.79 1.18
C THR A 59 -13.07 3.89 1.85
N PHE A 60 -12.70 3.42 3.03
CA PHE A 60 -13.48 2.46 3.79
C PHE A 60 -13.32 2.74 5.26
N THR A 61 -14.29 2.26 6.04
CA THR A 61 -14.15 2.21 7.49
C THR A 61 -13.96 0.78 8.00
N ASP A 62 -14.19 -0.23 7.16
CA ASP A 62 -14.05 -1.64 7.53
C ASP A 62 -12.95 -2.27 6.69
N ILE A 63 -11.85 -2.68 7.35
CA ILE A 63 -10.67 -3.22 6.66
C ILE A 63 -10.99 -4.45 5.82
N LYS A 64 -11.94 -5.28 6.28
CA LYS A 64 -12.34 -6.43 5.50
C LYS A 64 -12.93 -6.03 4.15
N LYS A 65 -13.78 -4.99 4.13
CA LYS A 65 -14.32 -4.52 2.86
C LYS A 65 -13.23 -3.95 1.97
N ALA A 66 -12.23 -3.30 2.58
CA ALA A 66 -11.15 -2.71 1.80
C ALA A 66 -10.34 -3.81 1.12
N VAL A 67 -10.07 -4.89 1.85
CA VAL A 67 -9.32 -6.01 1.30
C VAL A 67 -10.09 -6.65 0.15
N GLU A 68 -11.39 -6.85 0.31
CA GLU A 68 -12.21 -7.40 -0.77
C GLU A 68 -12.07 -6.53 -2.00
N LYS A 69 -12.22 -5.22 -1.82
CA LYS A 69 -12.14 -4.30 -2.95
C LYS A 69 -10.76 -4.29 -3.57
N ALA A 70 -9.72 -4.34 -2.73
CA ALA A 70 -8.36 -4.34 -3.23
C ALA A 70 -8.11 -5.50 -4.19
N LYS A 71 -8.78 -6.64 -3.98
CA LYS A 71 -8.59 -7.77 -4.90
C LYS A 71 -9.29 -7.56 -6.23
N GLU A 72 -10.53 -7.04 -6.22
CA GLU A 72 -11.18 -6.65 -7.46
C GLU A 72 -10.33 -5.64 -8.24
N LEU A 73 -9.74 -4.67 -7.54
CA LEU A 73 -9.07 -3.57 -8.22
C LEU A 73 -7.70 -3.98 -8.78
N ALA A 74 -6.96 -4.78 -8.04
CA ALA A 74 -5.69 -5.25 -8.58
C ALA A 74 -5.90 -5.99 -9.89
N LYS A 75 -6.99 -6.73 -10.01
CA LYS A 75 -7.24 -7.44 -11.26
C LYS A 75 -7.80 -6.52 -12.34
N GLU A 76 -8.79 -5.71 -12.00
CA GLU A 76 -9.41 -4.86 -12.98
C GLU A 76 -8.45 -3.79 -13.48
N THR A 77 -7.70 -3.15 -12.57
CA THR A 77 -6.88 -1.99 -12.93
C THR A 77 -5.39 -2.28 -12.97
N GLY A 78 -4.96 -3.46 -12.56
CA GLY A 78 -3.55 -3.80 -12.61
C GLY A 78 -2.76 -3.45 -11.38
N PHE A 79 -3.36 -2.82 -10.37
CA PHE A 79 -2.60 -2.45 -9.19
C PHE A 79 -3.57 -2.09 -8.08
N ALA A 80 -3.19 -2.39 -6.83
CA ALA A 80 -3.98 -1.95 -5.69
C ALA A 80 -3.08 -1.94 -4.47
N SER A 81 -3.27 -0.93 -3.63
CA SER A 81 -2.48 -0.87 -2.43
C SER A 81 -3.35 -0.34 -1.31
N ILE A 82 -3.28 -0.94 -0.13
CA ILE A 82 -4.09 -0.48 1.00
C ILE A 82 -3.22 0.38 1.89
N SER A 83 -3.75 1.53 2.27
CA SER A 83 -3.05 2.49 3.13
C SER A 83 -3.84 2.62 4.44
N VAL A 84 -3.15 2.57 5.60
CA VAL A 84 -3.80 2.71 6.90
C VAL A 84 -3.02 3.75 7.68
N PRO A 85 -3.64 4.51 8.58
CA PRO A 85 -2.85 5.48 9.37
C PRO A 85 -1.80 4.74 10.19
N VAL A 86 -0.58 5.30 10.22
CA VAL A 86 0.53 4.73 10.98
C VAL A 86 1.09 5.83 11.88
N GLU A 87 1.69 5.44 13.00
CA GLU A 87 2.36 6.41 13.85
C GLU A 87 3.76 6.72 13.31
N PRO A 88 4.32 7.87 13.69
CA PRO A 88 5.71 8.13 13.30
C PRO A 88 6.60 6.98 13.73
N ASP A 89 7.58 6.66 12.89
CA ASP A 89 8.58 5.62 13.11
C ASP A 89 8.01 4.20 13.20
N GLU A 90 6.76 4.01 12.81
CA GLU A 90 6.19 2.68 12.63
C GLU A 90 5.83 2.48 11.17
N TYR A 91 5.69 1.21 10.79
CA TYR A 91 5.35 0.76 9.45
C TYR A 91 4.40 -0.41 9.63
N LEU A 92 3.32 -0.46 8.85
CA LEU A 92 2.29 -1.47 9.01
C LEU A 92 2.17 -2.25 7.71
N VAL A 93 2.16 -3.58 7.80
CA VAL A 93 1.94 -4.43 6.64
C VAL A 93 0.53 -5.00 6.76
N ILE A 94 -0.24 -4.89 5.68
CA ILE A 94 -1.59 -5.47 5.61
C ILE A 94 -1.53 -6.58 4.58
N ASP A 95 -1.92 -7.78 4.97
CA ASP A 95 -1.85 -8.85 3.99
C ASP A 95 -3.20 -9.05 3.30
N GLY A 96 -3.24 -10.02 2.38
CA GLY A 96 -4.39 -10.22 1.54
C GLY A 96 -5.61 -10.71 2.26
N LYS A 97 -5.47 -11.08 3.53
CA LYS A 97 -6.59 -11.50 4.36
C LYS A 97 -6.94 -10.47 5.41
N GLY A 98 -6.38 -9.26 5.33
CA GLY A 98 -6.75 -8.19 6.22
C GLY A 98 -5.99 -8.10 7.51
N ASN A 99 -5.05 -9.01 7.74
CA ASN A 99 -4.29 -9.01 8.98
C ASN A 99 -3.22 -7.91 8.95
N GLU A 100 -2.99 -7.30 10.10
CA GLU A 100 -2.02 -6.22 10.24
C GLU A 100 -0.80 -6.69 11.04
N HIS A 101 0.40 -6.36 10.57
CA HIS A 101 1.66 -6.65 11.25
C HIS A 101 2.46 -5.37 11.41
N LYS A 102 2.95 -5.10 12.62
CA LYS A 102 3.64 -3.84 12.91
C LYS A 102 5.15 -4.00 12.91
N PHE A 103 5.85 -3.01 12.35
CA PHE A 103 7.29 -2.98 12.31
C PHE A 103 7.81 -1.58 12.70
N THR A 104 9.08 -1.52 13.08
CA THR A 104 9.75 -0.25 13.27
C THR A 104 10.93 -0.09 12.31
N ASP A 105 11.13 -1.05 11.41
CA ASP A 105 12.19 -0.99 10.41
C ASP A 105 11.57 -1.19 9.02
N LEU A 106 11.76 -0.21 8.14
CA LEU A 106 11.07 -0.29 6.84
C LEU A 106 11.52 -1.50 6.04
N LYS A 107 12.83 -1.79 6.02
CA LYS A 107 13.26 -2.94 5.23
C LYS A 107 12.71 -4.24 5.81
N GLU A 108 12.55 -4.32 7.13
CA GLU A 108 11.87 -5.47 7.71
C GLU A 108 10.42 -5.55 7.24
N ALA A 109 9.73 -4.42 7.25
CA ALA A 109 8.35 -4.41 6.81
C ALA A 109 8.23 -4.86 5.36
N VAL A 110 9.09 -4.32 4.49
CA VAL A 110 9.09 -4.73 3.06
C VAL A 110 9.35 -6.22 2.91
N ALA A 111 10.36 -6.74 3.61
CA ALA A 111 10.65 -8.16 3.52
C ALA A 111 9.46 -9.01 3.95
N LYS A 112 8.78 -8.62 5.03
CA LYS A 112 7.59 -9.38 5.41
C LYS A 112 6.49 -9.27 4.36
N ALA A 113 6.25 -8.06 3.85
CA ALA A 113 5.23 -7.91 2.82
C ALA A 113 5.49 -8.83 1.64
N LYS A 114 6.74 -8.99 1.23
CA LYS A 114 7.02 -9.86 0.08
C LYS A 114 6.67 -11.31 0.38
N GLU A 115 6.97 -11.74 1.59
CA GLU A 115 6.63 -13.09 2.02
C GLU A 115 5.11 -13.28 2.08
N LEU A 116 4.39 -12.29 2.61
CA LEU A 116 2.93 -12.41 2.69
C LEU A 116 2.27 -12.33 1.31
N LYS A 117 2.83 -11.55 0.39
CA LYS A 117 2.34 -11.56 -0.99
C LYS A 117 2.42 -12.96 -1.60
N LYS A 118 3.52 -13.68 -1.34
CA LYS A 118 3.63 -15.07 -1.82
C LYS A 118 2.60 -15.98 -1.19
N LYS A 119 2.41 -15.84 0.13
CA LYS A 119 1.50 -16.70 0.84
C LYS A 119 0.05 -16.42 0.48
N TYR A 120 -0.37 -15.15 0.49
CA TYR A 120 -1.78 -14.78 0.39
C TYR A 120 -2.14 -14.14 -0.92
N GLY A 121 -1.17 -13.80 -1.76
CA GLY A 121 -1.43 -13.22 -3.04
C GLY A 121 -1.29 -11.71 -3.07
N PHE A 122 -1.38 -11.06 -1.92
CA PHE A 122 -1.48 -9.60 -1.84
C PHE A 122 -0.88 -9.14 -0.50
N ALA A 123 -0.09 -8.06 -0.50
CA ALA A 123 0.25 -7.41 0.77
C ALA A 123 0.72 -5.97 0.48
N SER A 124 0.43 -5.06 1.41
CA SER A 124 0.78 -3.64 1.30
C SER A 124 1.63 -3.25 2.49
N VAL A 125 2.48 -2.22 2.31
CA VAL A 125 3.20 -1.60 3.40
C VAL A 125 2.74 -0.14 3.50
N SER A 126 2.37 0.27 4.71
CA SER A 126 1.93 1.64 4.97
C SER A 126 3.00 2.34 5.78
N VAL A 127 3.30 3.59 5.42
CA VAL A 127 4.37 4.34 6.09
C VAL A 127 3.77 5.64 6.58
N PRO A 128 4.46 6.34 7.49
CA PRO A 128 3.92 7.62 7.96
C PRO A 128 3.89 8.65 6.83
N VAL A 129 2.86 9.48 6.82
CA VAL A 129 2.80 10.57 5.85
C VAL A 129 3.26 11.90 6.45
#